data_3OMU
#
_entry.id   3OMU
#
_cell.length_a   60.044
_cell.length_b   60.941
_cell.length_c   126.996
_cell.angle_alpha   90.000
_cell.angle_beta   90.000
_cell.angle_gamma   90.000
#
_symmetry.space_group_name_H-M   'P 21 21 21'
#
loop_
_entity.id
_entity.type
_entity.pdbx_description
1 polymer 'Heat shock protein 83'
2 non-polymer 2-amino-4-{2,4-dichloro-5-[2-(diethylamino)ethoxy]phenyl}-N-ethylthieno[2,3-d]pyrimidine-6-carboxamide
3 water water
#
_entity_poly.entity_id   1
_entity_poly.type   'polypeptide(L)'
_entity_poly.pdbx_seq_one_letter_code
;MHHHHHHSSGRENLYFQGMTETFAFQAEINQLMSLIINTFYSNKEIFLRELISNSSDACDKIRYQSLTNQSVLGDEPHLR
IRVIPDRVNKTLTVEDSGIGMTKADLVNNLGTIARSGTKSFMEALEAGGDMSMIGQFGVGFYSAYLVADRVTVVSKNNED
DAYTWESSAGGTFTVTSTPDCDLKRGTRIVLHLKEDQQEYLEERRLKDLIKKHSEFIGYDIELMVENTTEK
;
_entity_poly.pdbx_strand_id   A,B
#
loop_
_chem_comp.id
_chem_comp.type
_chem_comp.name
_chem_comp.formula
IBD non-polymer 2-amino-4-{2,4-dichloro-5-[2-(diethylamino)ethoxy]phenyl}-N-ethylthieno[2,3-d]pyrimidine-6-carboxamide 'C21 H25 Cl2 N5 O2 S'
#
# COMPACT_ATOMS: atom_id res chain seq x y z
N GLY A 18 -6.24 -29.40 7.11
CA GLY A 18 -6.97 -29.99 5.94
C GLY A 18 -6.02 -30.48 4.86
N MET A 19 -6.38 -30.25 3.60
CA MET A 19 -5.53 -30.58 2.47
C MET A 19 -4.47 -29.50 2.23
N THR A 20 -3.20 -29.89 2.31
CA THR A 20 -2.07 -29.02 2.00
C THR A 20 -1.75 -29.05 0.51
N GLU A 21 -1.77 -27.86 -0.11
CA GLU A 21 -1.30 -27.64 -1.48
C GLU A 21 0.06 -26.94 -1.45
N THR A 22 1.00 -27.45 -2.25
CA THR A 22 2.31 -26.80 -2.40
C THR A 22 2.33 -25.99 -3.69
N PHE A 23 2.86 -24.77 -3.60
CA PHE A 23 3.03 -23.84 -4.72
C PHE A 23 4.48 -23.42 -4.83
N ALA A 24 4.90 -23.01 -6.03
CA ALA A 24 6.25 -22.51 -6.24
C ALA A 24 6.24 -20.99 -6.38
N PHE A 25 7.31 -20.37 -5.92
CA PHE A 25 7.55 -18.97 -6.18
C PHE A 25 8.11 -18.86 -7.60
N GLN A 26 7.77 -17.78 -8.30
CA GLN A 26 8.44 -17.46 -9.56
C GLN A 26 9.82 -16.90 -9.26
N ALA A 27 10.66 -16.77 -10.28
CA ALA A 27 12.07 -16.48 -10.08
C ALA A 27 12.38 -15.19 -9.30
N GLU A 28 11.61 -14.12 -9.54
CA GLU A 28 11.86 -12.81 -8.89
C GLU A 28 11.69 -12.87 -7.39
N ILE A 29 10.69 -13.62 -6.95
CA ILE A 29 10.40 -13.73 -5.53
C ILE A 29 11.44 -14.63 -4.89
N ASN A 30 11.85 -15.69 -5.59
CA ASN A 30 12.98 -16.48 -5.13
C ASN A 30 14.23 -15.65 -4.90
N GLN A 31 14.58 -14.81 -5.89
CA GLN A 31 15.70 -13.88 -5.81
C GLN A 31 15.56 -12.92 -4.62
N LEU A 32 14.38 -12.32 -4.48
CA LEU A 32 14.14 -11.40 -3.36
C LEU A 32 14.30 -12.07 -1.99
N MET A 33 13.59 -13.18 -1.78
CA MET A 33 13.66 -13.93 -0.54
C MET A 33 15.09 -14.35 -0.22
N SER A 34 15.81 -14.80 -1.23
CA SER A 34 17.20 -15.20 -1.06
C SER A 34 18.05 -13.97 -0.71
N LEU A 35 17.81 -12.85 -1.39
CA LEU A 35 18.51 -11.60 -1.08
C LEU A 35 18.30 -11.26 0.41
N ILE A 36 17.02 -11.16 0.79
CA ILE A 36 16.62 -10.69 2.11
C ILE A 36 17.07 -11.63 3.25
N ILE A 37 16.94 -12.93 3.04
CA ILE A 37 17.31 -13.87 4.11
C ILE A 37 18.80 -13.88 4.39
N ASN A 38 19.60 -13.53 3.38
CA ASN A 38 21.07 -13.58 3.48
C ASN A 38 21.77 -12.22 3.74
N THR A 39 21.04 -11.12 3.58
CA THR A 39 21.67 -9.79 3.58
C THR A 39 22.37 -9.43 4.88
N PHE A 40 23.39 -8.57 4.78
CA PHE A 40 24.05 -8.08 5.98
C PHE A 40 23.53 -6.69 6.35
N TYR A 41 22.38 -6.33 5.77
CA TYR A 41 21.70 -5.10 6.09
C TYR A 41 21.54 -5.05 7.60
N SER A 42 21.97 -3.94 8.19
CA SER A 42 22.17 -3.90 9.62
C SER A 42 21.05 -3.17 10.35
N ASN A 43 20.04 -2.72 9.61
CA ASN A 43 18.86 -2.13 10.28
C ASN A 43 17.62 -3.02 10.09
N LYS A 44 17.70 -4.26 10.57
CA LYS A 44 16.68 -5.27 10.34
C LYS A 44 15.32 -4.97 10.98
N GLU A 45 15.31 -4.12 12.01
CA GLU A 45 14.08 -3.72 12.73
C GLU A 45 12.97 -3.14 11.86
N ILE A 46 13.30 -2.71 10.64
CA ILE A 46 12.30 -2.22 9.69
C ILE A 46 11.18 -3.23 9.39
N PHE A 47 11.42 -4.52 9.59
CA PHE A 47 10.38 -5.53 9.33
C PHE A 47 9.08 -5.19 10.07
N LEU A 48 9.19 -4.74 11.32
CA LEU A 48 8.03 -4.49 12.17
C LEU A 48 7.19 -3.33 11.64
N ARG A 49 7.87 -2.27 11.22
CA ARG A 49 7.22 -1.16 10.56
C ARG A 49 6.43 -1.66 9.34
N GLU A 50 7.02 -2.55 8.55
CA GLU A 50 6.36 -3.04 7.32
C GLU A 50 5.13 -3.87 7.60
N LEU A 51 5.23 -4.79 8.57
CA LEU A 51 4.10 -5.65 8.90
C LEU A 51 2.94 -4.84 9.54
N ILE A 52 3.27 -3.90 10.41
CA ILE A 52 2.26 -3.07 11.05
C ILE A 52 1.52 -2.18 10.03
N SER A 53 2.28 -1.66 9.08
CA SER A 53 1.73 -0.83 8.01
C SER A 53 0.68 -1.62 7.22
N ASN A 54 1.05 -2.84 6.83
CA ASN A 54 0.19 -3.80 6.17
C ASN A 54 -1.09 -4.16 6.97
N SER A 55 -0.92 -4.35 8.27
CA SER A 55 -2.04 -4.59 9.17
C SER A 55 -2.97 -3.39 9.19
N SER A 56 -2.39 -2.20 9.37
CA SER A 56 -3.14 -0.93 9.29
C SER A 56 -3.93 -0.78 7.98
N ASP A 57 -3.35 -1.15 6.84
CA ASP A 57 -4.06 -1.05 5.55
C ASP A 57 -5.23 -2.05 5.47
N ALA A 58 -5.01 -3.25 6.01
CA ALA A 58 -6.00 -4.31 6.03
C ALA A 58 -7.24 -3.93 6.86
N CYS A 59 -7.00 -3.23 7.97
CA CYS A 59 -8.06 -2.68 8.79
C CYS A 59 -8.85 -1.58 8.04
N ASP A 60 -8.16 -0.79 7.20
CA ASP A 60 -8.84 0.20 6.36
C ASP A 60 -9.81 -0.44 5.39
N LYS A 61 -9.43 -1.56 4.78
N LYS A 61 -9.43 -1.56 4.78
CA LYS A 61 -10.28 -2.23 3.79
CA LYS A 61 -10.28 -2.23 3.79
C LYS A 61 -11.61 -2.70 4.41
C LYS A 61 -11.61 -2.69 4.41
N ILE A 62 -11.55 -3.31 5.59
CA ILE A 62 -12.77 -3.78 6.28
C ILE A 62 -13.61 -2.62 6.83
N ARG A 63 -12.95 -1.60 7.40
CA ARG A 63 -13.64 -0.39 7.82
C ARG A 63 -14.41 0.23 6.66
N TYR A 64 -13.74 0.37 5.51
CA TYR A 64 -14.39 0.89 4.29
C TYR A 64 -15.67 0.12 3.99
N GLN A 65 -15.55 -1.20 3.96
CA GLN A 65 -16.71 -2.06 3.77
C GLN A 65 -17.79 -1.83 4.83
N SER A 66 -17.35 -1.62 6.08
CA SER A 66 -18.27 -1.49 7.22
C SER A 66 -19.12 -0.21 7.16
N LEU A 67 -18.64 0.82 6.48
CA LEU A 67 -19.37 2.06 6.30
C LEU A 67 -20.64 1.85 5.46
N THR A 68 -20.53 0.97 4.47
CA THR A 68 -21.62 0.68 3.53
C THR A 68 -22.53 -0.44 4.02
N ASN A 69 -22.05 -1.23 4.98
CA ASN A 69 -22.75 -2.45 5.40
C ASN A 69 -22.89 -2.62 6.92
N GLN A 70 -21.78 -2.52 7.65
CA GLN A 70 -21.74 -2.77 9.10
C GLN A 70 -21.75 -4.25 9.48
N SER A 71 -22.65 -5.02 8.86
CA SER A 71 -22.74 -6.48 9.05
C SER A 71 -21.45 -7.24 8.66
N VAL A 72 -20.58 -6.58 7.90
CA VAL A 72 -19.28 -7.14 7.49
C VAL A 72 -18.35 -7.36 8.69
N LEU A 73 -18.50 -6.54 9.73
CA LEU A 73 -17.73 -6.70 10.95
C LEU A 73 -18.13 -7.97 11.67
N GLY A 74 -19.43 -8.21 11.78
CA GLY A 74 -19.94 -9.42 12.40
C GLY A 74 -19.49 -9.59 13.83
N ASP A 75 -18.91 -10.76 14.13
CA ASP A 75 -18.46 -11.11 15.49
C ASP A 75 -17.15 -10.42 15.91
N GLU A 76 -16.52 -9.71 14.98
CA GLU A 76 -15.27 -8.99 15.27
C GLU A 76 -15.34 -7.48 14.92
N PRO A 77 -16.01 -6.68 15.78
CA PRO A 77 -16.13 -5.24 15.54
C PRO A 77 -14.85 -4.41 15.79
N HIS A 78 -13.98 -4.85 16.71
CA HIS A 78 -12.77 -4.07 17.04
C HIS A 78 -11.64 -4.24 16.02
N LEU A 79 -11.29 -3.13 15.36
CA LEU A 79 -10.20 -3.08 14.39
C LEU A 79 -8.90 -2.65 15.06
N ARG A 80 -8.00 -3.62 15.26
CA ARG A 80 -6.80 -3.43 16.09
C ARG A 80 -5.64 -4.32 15.64
N ILE A 81 -4.44 -3.94 16.05
CA ILE A 81 -3.22 -4.68 15.73
C ILE A 81 -2.55 -5.18 17.01
N ARG A 82 -2.17 -6.46 17.02
CA ARG A 82 -1.55 -7.09 18.20
C ARG A 82 -0.12 -7.60 17.93
N VAL A 83 0.82 -7.24 18.80
CA VAL A 83 2.19 -7.74 18.69
C VAL A 83 2.43 -8.68 19.86
N ILE A 84 2.78 -9.93 19.55
CA ILE A 84 2.82 -10.99 20.56
C ILE A 84 4.14 -11.74 20.54
N PRO A 85 5.05 -11.42 21.47
CA PRO A 85 6.26 -12.22 21.53
C PRO A 85 6.02 -13.54 22.30
N ASP A 86 6.66 -14.62 21.85
CA ASP A 86 6.61 -15.91 22.53
C ASP A 86 8.06 -16.35 22.78
N ARG A 87 8.54 -16.12 24.00
CA ARG A 87 9.90 -16.48 24.41
C ARG A 87 10.12 -17.99 24.51
N VAL A 88 9.05 -18.75 24.57
CA VAL A 88 9.15 -20.19 24.74
C VAL A 88 9.46 -20.86 23.41
N ASN A 89 8.71 -20.50 22.37
CA ASN A 89 8.94 -21.07 21.05
C ASN A 89 9.77 -20.19 20.11
N LYS A 90 10.19 -19.02 20.61
CA LYS A 90 11.06 -18.09 19.85
C LYS A 90 10.35 -17.55 18.60
N THR A 91 9.09 -17.15 18.78
CA THR A 91 8.30 -16.59 17.70
C THR A 91 7.82 -15.19 18.05
N LEU A 92 7.65 -14.37 17.02
CA LEU A 92 7.06 -13.05 17.16
C LEU A 92 5.89 -12.99 16.21
N THR A 93 4.73 -12.61 16.75
CA THR A 93 3.52 -12.55 15.97
C THR A 93 3.02 -11.13 15.79
N VAL A 94 2.59 -10.79 14.58
CA VAL A 94 1.84 -9.58 14.33
C VAL A 94 0.46 -9.99 13.79
N GLU A 95 -0.59 -9.69 14.54
CA GLU A 95 -1.94 -10.03 14.03
C GLU A 95 -2.84 -8.83 14.01
N ASP A 96 -3.84 -8.87 13.13
CA ASP A 96 -4.81 -7.80 13.02
C ASP A 96 -6.20 -8.36 12.84
N SER A 97 -7.23 -7.53 13.05
CA SER A 97 -8.58 -7.92 12.69
C SER A 97 -9.05 -7.20 11.41
N GLY A 98 -8.13 -7.06 10.44
CA GLY A 98 -8.44 -6.47 9.15
C GLY A 98 -9.27 -7.37 8.25
N ILE A 99 -9.39 -7.01 6.97
CA ILE A 99 -10.28 -7.73 6.04
C ILE A 99 -9.83 -9.18 5.76
N GLY A 100 -8.54 -9.44 5.92
CA GLY A 100 -8.02 -10.77 5.73
C GLY A 100 -7.99 -11.18 4.28
N MET A 101 -7.54 -12.41 4.06
CA MET A 101 -7.33 -12.95 2.72
C MET A 101 -7.93 -14.33 2.59
N THR A 102 -8.52 -14.57 1.44
CA THR A 102 -9.00 -15.89 1.05
C THR A 102 -7.82 -16.71 0.53
N LYS A 103 -8.06 -18.00 0.29
CA LYS A 103 -7.05 -18.88 -0.32
C LYS A 103 -6.44 -18.27 -1.58
N ALA A 104 -7.28 -17.79 -2.48
CA ALA A 104 -6.80 -17.17 -3.72
C ALA A 104 -6.06 -15.84 -3.43
N ASP A 105 -6.52 -15.09 -2.44
CA ASP A 105 -5.85 -13.86 -2.05
C ASP A 105 -4.43 -14.11 -1.54
N LEU A 106 -4.25 -15.19 -0.77
CA LEU A 106 -2.95 -15.48 -0.19
C LEU A 106 -1.95 -15.63 -1.31
N VAL A 107 -2.25 -16.55 -2.23
CA VAL A 107 -1.47 -16.85 -3.43
C VAL A 107 -1.25 -15.61 -4.29
N ASN A 108 -2.36 -14.91 -4.59
N ASN A 108 -2.36 -14.91 -4.58
CA ASN A 108 -2.30 -13.69 -5.39
CA ASN A 108 -2.34 -13.68 -5.36
C ASN A 108 -1.41 -12.61 -4.78
C ASN A 108 -1.40 -12.64 -4.77
N ASN A 109 -1.57 -12.36 -3.48
CA ASN A 109 -0.79 -11.36 -2.77
C ASN A 109 0.68 -11.74 -2.58
N LEU A 110 0.93 -12.99 -2.18
CA LEU A 110 2.28 -13.36 -1.79
C LEU A 110 3.07 -13.85 -2.98
N GLY A 111 2.37 -14.33 -4.00
CA GLY A 111 2.99 -14.81 -5.21
C GLY A 111 2.77 -13.90 -6.41
N THR A 112 1.53 -13.84 -6.89
CA THR A 112 1.23 -13.23 -8.17
C THR A 112 1.43 -11.71 -8.25
N ILE A 113 0.67 -10.91 -7.49
CA ILE A 113 0.76 -9.44 -7.62
C ILE A 113 2.10 -8.89 -7.16
N ALA A 114 2.85 -9.66 -6.38
CA ALA A 114 4.10 -9.19 -5.78
C ALA A 114 5.26 -9.15 -6.78
N ARG A 115 5.07 -9.77 -7.96
CA ARG A 115 6.17 -9.99 -8.91
C ARG A 115 6.80 -8.70 -9.48
N SER A 116 5.97 -7.83 -10.05
CA SER A 116 6.47 -6.58 -10.63
C SER A 116 7.04 -5.63 -9.56
N GLY A 117 6.40 -5.56 -8.39
CA GLY A 117 6.97 -4.82 -7.25
C GLY A 117 8.35 -5.35 -6.86
N THR A 118 8.47 -6.67 -6.78
CA THR A 118 9.73 -7.33 -6.43
C THR A 118 10.83 -7.03 -7.43
N LYS A 119 10.49 -7.16 -8.72
CA LYS A 119 11.38 -6.83 -9.82
C LYS A 119 11.90 -5.38 -9.73
N SER A 120 10.98 -4.43 -9.62
CA SER A 120 11.34 -3.03 -9.43
C SER A 120 12.17 -2.81 -8.16
N PHE A 121 11.81 -3.47 -7.06
CA PHE A 121 12.57 -3.30 -5.81
C PHE A 121 14.03 -3.69 -6.03
N MET A 122 14.26 -4.88 -6.60
CA MET A 122 15.63 -5.33 -6.84
C MET A 122 16.38 -4.44 -7.84
N GLU A 123 15.70 -3.97 -8.87
CA GLU A 123 16.31 -2.99 -9.76
C GLU A 123 16.70 -1.70 -9.01
N ALA A 124 15.86 -1.26 -8.07
CA ALA A 124 16.18 -0.05 -7.30
C ALA A 124 17.40 -0.30 -6.42
N LEU A 125 17.49 -1.49 -5.82
CA LEU A 125 18.68 -1.88 -5.06
C LEU A 125 19.96 -1.87 -5.91
N GLU A 126 19.85 -2.36 -7.16
N GLU A 126 19.88 -2.36 -7.15
CA GLU A 126 20.97 -2.39 -8.11
CA GLU A 126 21.05 -2.36 -8.03
C GLU A 126 21.42 -0.98 -8.50
C GLU A 126 21.48 -0.93 -8.38
N ALA A 127 20.51 -0.02 -8.41
CA ALA A 127 20.74 1.38 -8.77
C ALA A 127 21.01 2.31 -7.59
N GLY A 128 21.40 1.75 -6.43
CA GLY A 128 21.78 2.56 -5.27
C GLY A 128 20.68 2.77 -4.23
N GLY A 129 19.57 2.04 -4.38
CA GLY A 129 18.47 2.12 -3.44
C GLY A 129 18.85 1.45 -2.12
N ASP A 130 17.93 1.49 -1.17
CA ASP A 130 18.17 0.94 0.16
C ASP A 130 17.05 -0.05 0.52
N MET A 131 17.37 -1.05 1.36
CA MET A 131 16.38 -2.03 1.84
C MET A 131 15.17 -1.40 2.54
N SER A 132 15.38 -0.27 3.22
CA SER A 132 14.31 0.44 3.91
C SER A 132 13.20 0.99 2.99
N MET A 133 13.47 0.98 1.68
CA MET A 133 12.53 1.45 0.65
C MET A 133 11.54 0.37 0.21
N ILE A 134 11.72 -0.85 0.71
CA ILE A 134 10.95 -2.01 0.26
C ILE A 134 9.44 -1.75 0.18
N GLY A 135 8.90 -1.07 1.18
CA GLY A 135 7.47 -0.71 1.22
C GLY A 135 6.97 0.14 0.06
N GLN A 136 7.87 0.93 -0.54
CA GLN A 136 7.52 1.74 -1.72
C GLN A 136 7.09 0.84 -2.87
N PHE A 137 7.57 -0.41 -2.84
CA PHE A 137 7.31 -1.36 -3.91
C PHE A 137 6.19 -2.36 -3.61
N GLY A 138 5.54 -2.18 -2.46
CA GLY A 138 4.39 -3.00 -2.09
C GLY A 138 4.74 -4.43 -1.69
N VAL A 139 6.02 -4.69 -1.46
CA VAL A 139 6.48 -6.04 -1.05
C VAL A 139 7.13 -6.05 0.35
N GLY A 140 6.78 -5.05 1.18
CA GLY A 140 7.34 -4.94 2.53
C GLY A 140 7.15 -6.17 3.41
N PHE A 141 6.13 -6.98 3.11
CA PHE A 141 5.93 -8.26 3.80
C PHE A 141 7.21 -9.11 3.86
N TYR A 142 7.93 -9.19 2.76
CA TYR A 142 9.12 -10.04 2.68
C TYR A 142 10.28 -9.59 3.56
N SER A 143 10.21 -8.35 4.05
CA SER A 143 11.15 -7.86 5.06
C SER A 143 11.13 -8.74 6.32
N ALA A 144 10.06 -9.54 6.48
CA ALA A 144 9.97 -10.50 7.62
C ALA A 144 11.18 -11.42 7.64
N TYR A 145 11.65 -11.80 6.45
CA TYR A 145 12.79 -12.70 6.35
C TYR A 145 14.14 -12.09 6.78
N LEU A 146 14.14 -10.78 7.05
CA LEU A 146 15.32 -10.15 7.69
C LEU A 146 15.61 -10.79 9.05
N VAL A 147 14.55 -11.11 9.80
CA VAL A 147 14.69 -11.61 11.19
C VAL A 147 14.16 -13.03 11.39
N ALA A 148 13.49 -13.58 10.36
CA ALA A 148 12.87 -14.90 10.46
C ALA A 148 13.37 -15.89 9.41
N ASP A 149 13.49 -17.16 9.80
CA ASP A 149 13.82 -18.22 8.84
C ASP A 149 12.57 -18.96 8.35
N ARG A 150 11.43 -18.64 8.95
CA ARG A 150 10.15 -19.24 8.57
C ARG A 150 9.06 -18.27 8.95
N VAL A 151 8.12 -18.08 8.04
CA VAL A 151 7.04 -17.16 8.30
C VAL A 151 5.76 -17.90 8.00
N THR A 152 4.81 -17.78 8.92
CA THR A 152 3.53 -18.43 8.76
C THR A 152 2.48 -17.35 8.76
N VAL A 153 1.56 -17.41 7.79
CA VAL A 153 0.53 -16.40 7.67
C VAL A 153 -0.83 -17.07 7.76
N VAL A 154 -1.54 -16.85 8.85
CA VAL A 154 -2.86 -17.42 9.02
C VAL A 154 -3.86 -16.32 8.69
N SER A 155 -4.80 -16.59 7.78
CA SER A 155 -5.72 -15.52 7.37
C SER A 155 -7.17 -15.95 7.23
N LYS A 156 -8.08 -15.04 7.55
CA LYS A 156 -9.51 -15.31 7.45
C LYS A 156 -10.26 -14.10 6.91
N ASN A 157 -10.82 -14.30 5.71
CA ASN A 157 -11.65 -13.32 5.03
C ASN A 157 -13.10 -13.78 5.16
N ASN A 158 -14.03 -12.82 5.10
CA ASN A 158 -15.46 -13.10 5.23
C ASN A 158 -16.01 -14.07 4.17
N GLU A 159 -15.32 -14.17 3.06
CA GLU A 159 -15.81 -14.91 1.89
C GLU A 159 -15.16 -16.29 1.71
N ASP A 160 -14.41 -16.74 2.70
CA ASP A 160 -13.74 -18.06 2.65
C ASP A 160 -13.46 -18.62 4.04
N ASP A 161 -13.02 -19.87 4.07
CA ASP A 161 -12.50 -20.49 5.29
C ASP A 161 -11.11 -19.90 5.66
N ALA A 162 -10.65 -20.16 6.88
CA ALA A 162 -9.30 -19.76 7.28
C ALA A 162 -8.27 -20.62 6.55
N TYR A 163 -7.21 -19.99 6.04
CA TYR A 163 -6.13 -20.72 5.38
C TYR A 163 -4.81 -20.30 6.00
N THR A 164 -3.82 -21.20 5.95
CA THR A 164 -2.50 -20.92 6.45
C THR A 164 -1.49 -21.07 5.33
N TRP A 165 -0.75 -19.99 5.08
CA TRP A 165 0.32 -19.92 4.11
C TRP A 165 1.60 -20.03 4.92
N GLU A 166 2.55 -20.79 4.40
CA GLU A 166 3.82 -20.96 5.09
C GLU A 166 4.94 -21.13 4.09
N SER A 167 6.07 -20.51 4.39
CA SER A 167 7.28 -20.70 3.60
C SER A 167 8.53 -20.49 4.44
N SER A 168 9.53 -21.32 4.16
CA SER A 168 10.88 -21.15 4.69
C SER A 168 11.89 -20.61 3.66
N ALA A 169 11.38 -20.05 2.55
CA ALA A 169 12.22 -19.51 1.47
C ALA A 169 13.06 -20.55 0.74
N GLY A 170 12.47 -21.71 0.47
CA GLY A 170 13.18 -22.75 -0.27
C GLY A 170 12.65 -22.92 -1.70
N GLY A 171 11.92 -21.92 -2.19
CA GLY A 171 11.42 -21.94 -3.56
C GLY A 171 9.96 -22.32 -3.66
N THR A 172 9.39 -22.75 -2.54
CA THR A 172 8.00 -23.17 -2.48
C THR A 172 7.31 -22.57 -1.26
N PHE A 173 5.99 -22.48 -1.35
CA PHE A 173 5.16 -22.20 -0.19
C PHE A 173 3.98 -23.18 -0.16
N THR A 174 3.44 -23.43 1.02
CA THR A 174 2.22 -24.23 1.15
C THR A 174 1.04 -23.37 1.56
N VAL A 175 -0.15 -23.77 1.12
CA VAL A 175 -1.43 -23.19 1.54
C VAL A 175 -2.32 -24.35 2.04
N THR A 176 -2.79 -24.22 3.27
CA THR A 176 -3.51 -25.28 3.97
C THR A 176 -4.76 -24.71 4.64
N SER A 177 -5.91 -25.32 4.38
CA SER A 177 -7.11 -25.00 5.15
C SER A 177 -6.85 -25.40 6.60
N THR A 178 -7.05 -24.47 7.52
CA THR A 178 -6.71 -24.67 8.93
C THR A 178 -7.76 -23.91 9.73
N PRO A 179 -8.83 -24.61 10.15
CA PRO A 179 -9.84 -23.96 10.99
C PRO A 179 -9.22 -23.34 12.24
N ASP A 180 -9.66 -22.13 12.57
CA ASP A 180 -9.11 -21.35 13.66
C ASP A 180 -10.20 -20.42 14.18
N CYS A 181 -10.82 -20.83 15.28
CA CYS A 181 -11.90 -20.06 15.90
C CYS A 181 -11.42 -18.77 16.55
N ASP A 182 -10.15 -18.73 16.94
CA ASP A 182 -9.56 -17.54 17.56
C ASP A 182 -9.37 -16.40 16.57
N LEU A 183 -9.33 -16.71 15.28
CA LEU A 183 -9.23 -15.71 14.24
C LEU A 183 -10.57 -15.57 13.50
N LYS A 184 -11.44 -14.72 14.02
CA LYS A 184 -12.76 -14.51 13.43
C LYS A 184 -12.67 -13.84 12.06
N ARG A 185 -11.69 -12.95 11.92
CA ARG A 185 -11.43 -12.25 10.66
C ARG A 185 -10.09 -11.54 10.77
N GLY A 186 -9.30 -11.59 9.71
CA GLY A 186 -8.03 -10.89 9.71
C GLY A 186 -6.86 -11.82 9.53
N THR A 187 -5.68 -11.35 9.94
CA THR A 187 -4.43 -11.99 9.59
C THR A 187 -3.46 -12.08 10.77
N ARG A 188 -2.91 -13.29 10.96
CA ARG A 188 -1.89 -13.56 11.97
C ARG A 188 -0.58 -13.97 11.31
N ILE A 189 0.44 -13.13 11.43
CA ILE A 189 1.75 -13.42 10.84
C ILE A 189 2.71 -13.86 11.93
N VAL A 190 3.16 -15.10 11.84
CA VAL A 190 4.00 -15.71 12.88
C VAL A 190 5.43 -15.87 12.40
N LEU A 191 6.33 -15.13 13.04
CA LEU A 191 7.73 -15.11 12.64
C LEU A 191 8.51 -16.02 13.54
N HIS A 192 9.09 -17.07 12.96
N HIS A 192 9.04 -17.11 12.98
CA HIS A 192 9.99 -17.93 13.71
CA HIS A 192 10.02 -17.90 13.74
C HIS A 192 11.40 -17.33 13.54
C HIS A 192 11.36 -17.25 13.52
N LEU A 193 11.91 -16.71 14.59
CA LEU A 193 13.10 -15.86 14.51
C LEU A 193 14.40 -16.60 14.31
N LYS A 194 15.29 -16.00 13.54
CA LYS A 194 16.68 -16.46 13.39
C LYS A 194 17.32 -16.41 14.77
N GLU A 195 18.29 -17.31 14.98
CA GLU A 195 18.99 -17.44 16.26
C GLU A 195 19.68 -16.16 16.75
N ASP A 196 20.19 -15.35 15.81
CA ASP A 196 20.87 -14.10 16.17
C ASP A 196 19.93 -12.90 16.20
N GLN A 197 18.62 -13.18 16.17
CA GLN A 197 17.61 -12.14 16.11
C GLN A 197 16.60 -12.15 17.26
N GLN A 198 17.01 -12.70 18.42
CA GLN A 198 16.13 -12.81 19.59
C GLN A 198 15.78 -11.49 20.30
N GLU A 199 16.44 -10.38 19.94
CA GLU A 199 16.11 -9.11 20.60
C GLU A 199 14.64 -8.70 20.36
N TYR A 200 14.05 -9.19 19.27
CA TYR A 200 12.67 -8.85 18.91
C TYR A 200 11.63 -9.64 19.70
N LEU A 201 12.10 -10.42 20.66
CA LEU A 201 11.23 -11.00 21.68
C LEU A 201 11.21 -10.16 22.95
N GLU A 202 12.09 -9.17 23.05
CA GLU A 202 12.19 -8.38 24.30
C GLU A 202 11.07 -7.34 24.38
N GLU A 203 10.47 -7.22 25.57
CA GLU A 203 9.39 -6.28 25.81
C GLU A 203 9.79 -4.82 25.49
N ARG A 204 10.95 -4.42 26.01
CA ARG A 204 11.47 -3.06 25.82
C ARG A 204 11.70 -2.75 24.34
N ARG A 205 12.46 -3.61 23.66
CA ARG A 205 12.77 -3.46 22.22
C ARG A 205 11.49 -3.19 21.42
N LEU A 206 10.45 -3.98 21.67
CA LEU A 206 9.20 -3.87 20.92
C LEU A 206 8.37 -2.63 21.29
N LYS A 207 8.32 -2.32 22.58
CA LYS A 207 7.66 -1.11 23.07
C LYS A 207 8.24 0.12 22.39
N ASP A 208 9.56 0.25 22.38
CA ASP A 208 10.22 1.40 21.74
C ASP A 208 9.93 1.43 20.24
N LEU A 209 9.86 0.25 19.62
CA LEU A 209 9.63 0.17 18.17
C LEU A 209 8.21 0.54 17.77
N ILE A 210 7.23 0.06 18.53
CA ILE A 210 5.81 0.37 18.30
C ILE A 210 5.51 1.85 18.55
N LYS A 211 6.09 2.42 19.60
CA LYS A 211 5.90 3.84 19.92
C LYS A 211 6.32 4.72 18.75
N LYS A 212 7.39 4.33 18.07
CA LYS A 212 7.91 5.04 16.91
C LYS A 212 6.82 5.41 15.89
N HIS A 213 5.95 4.46 15.57
CA HIS A 213 4.97 4.72 14.51
C HIS A 213 3.48 4.64 14.89
N SER A 214 3.20 4.39 16.18
N SER A 214 3.21 4.38 16.18
CA SER A 214 1.82 4.23 16.66
CA SER A 214 1.85 4.24 16.70
C SER A 214 0.94 5.49 16.47
C SER A 214 0.96 5.48 16.47
N GLU A 215 1.51 6.66 16.72
CA GLU A 215 0.77 7.93 16.55
C GLU A 215 0.25 8.13 15.11
N PHE A 216 0.96 7.59 14.13
CA PHE A 216 0.62 7.67 12.72
C PHE A 216 -0.15 6.45 12.19
N ILE A 217 -0.54 5.56 13.10
CA ILE A 217 -1.38 4.41 12.78
C ILE A 217 -2.74 4.60 13.45
N GLY A 218 -3.80 4.62 12.64
CA GLY A 218 -5.15 4.98 13.11
C GLY A 218 -5.88 3.91 13.91
N TYR A 219 -5.15 2.87 14.33
CA TYR A 219 -5.75 1.74 15.06
C TYR A 219 -4.89 1.41 16.25
N ASP A 220 -5.52 0.86 17.29
CA ASP A 220 -4.82 0.43 18.48
C ASP A 220 -3.77 -0.63 18.16
N ILE A 221 -2.57 -0.45 18.71
CA ILE A 221 -1.53 -1.46 18.62
C ILE A 221 -1.26 -1.99 20.02
N GLU A 222 -1.60 -3.26 20.22
CA GLU A 222 -1.54 -3.87 21.53
C GLU A 222 -0.32 -4.79 21.62
N LEU A 223 0.58 -4.47 22.56
CA LEU A 223 1.72 -5.32 22.84
C LEU A 223 1.37 -6.26 24.00
N MET A 224 1.33 -7.56 23.71
CA MET A 224 0.90 -8.57 24.68
C MET A 224 2.10 -9.30 25.29
N VAL A 225 2.40 -8.96 26.54
CA VAL A 225 3.63 -9.42 27.23
C VAL A 225 3.53 -10.81 27.88
N MET B 19 11.90 19.33 -21.67
CA MET B 19 12.21 18.01 -22.31
C MET B 19 11.13 16.99 -21.95
N THR B 20 10.52 16.42 -22.98
CA THR B 20 9.44 15.46 -22.81
C THR B 20 9.88 14.08 -23.30
N GLU B 21 9.58 13.04 -22.53
CA GLU B 21 9.74 11.67 -22.99
C GLU B 21 8.40 10.97 -23.00
N THR B 22 8.14 10.16 -24.03
CA THR B 22 6.84 9.49 -24.18
C THR B 22 6.96 8.03 -23.83
N PHE B 23 5.94 7.48 -23.19
CA PHE B 23 5.98 6.07 -22.79
C PHE B 23 4.70 5.36 -23.15
N ALA B 24 4.79 4.04 -23.30
CA ALA B 24 3.63 3.24 -23.64
C ALA B 24 3.02 2.59 -22.40
N PHE B 25 1.71 2.71 -22.24
CA PHE B 25 0.98 1.86 -21.31
C PHE B 25 1.06 0.45 -21.87
N GLN B 26 1.11 -0.55 -21.00
CA GLN B 26 0.99 -1.94 -21.45
C GLN B 26 -0.49 -2.27 -21.55
N ALA B 27 -0.80 -3.38 -22.21
CA ALA B 27 -2.18 -3.66 -22.59
C ALA B 27 -3.18 -3.55 -21.42
N GLU B 28 -2.75 -3.99 -20.25
CA GLU B 28 -3.65 -4.11 -19.09
C GLU B 28 -4.13 -2.79 -18.47
N ILE B 29 -3.27 -1.75 -18.49
CA ILE B 29 -3.64 -0.41 -18.01
C ILE B 29 -4.65 0.20 -19.00
N ASN B 30 -4.38 0.04 -20.29
CA ASN B 30 -5.31 0.48 -21.34
C ASN B 30 -6.73 -0.05 -21.13
N GLN B 31 -6.85 -1.36 -20.91
CA GLN B 31 -8.12 -2.03 -20.72
C GLN B 31 -8.84 -1.49 -19.49
N LEU B 32 -8.09 -1.29 -18.40
CA LEU B 32 -8.64 -0.75 -17.17
C LEU B 32 -9.16 0.68 -17.36
N MET B 33 -8.38 1.51 -18.06
CA MET B 33 -8.80 2.88 -18.36
C MET B 33 -10.03 2.92 -19.28
N SER B 34 -10.05 2.06 -20.30
CA SER B 34 -11.23 1.89 -21.15
C SER B 34 -12.43 1.49 -20.30
N LEU B 35 -12.21 0.56 -19.38
CA LEU B 35 -13.25 0.09 -18.48
C LEU B 35 -13.76 1.24 -17.59
N ILE B 36 -12.85 1.87 -16.85
CA ILE B 36 -13.16 2.96 -15.92
C ILE B 36 -13.82 4.14 -16.63
N ILE B 37 -13.39 4.41 -17.86
CA ILE B 37 -13.95 5.50 -18.66
C ILE B 37 -15.39 5.24 -19.08
N ASN B 38 -15.65 4.07 -19.66
CA ASN B 38 -16.99 3.75 -20.18
C ASN B 38 -17.76 2.65 -19.43
N THR B 39 -17.50 2.55 -18.12
CA THR B 39 -18.30 1.70 -17.24
C THR B 39 -19.28 2.53 -16.45
N PHE B 40 -20.46 1.96 -16.21
CA PHE B 40 -21.36 2.49 -15.20
C PHE B 40 -20.89 1.94 -13.85
N TYR B 41 -20.52 2.86 -12.96
CA TYR B 41 -20.32 2.53 -11.55
C TYR B 41 -20.78 3.71 -10.70
N SER B 42 -21.50 3.42 -9.62
CA SER B 42 -22.30 4.44 -8.95
C SER B 42 -21.62 5.19 -7.80
N ASN B 43 -20.67 4.55 -7.14
CA ASN B 43 -19.99 5.15 -6.00
C ASN B 43 -18.62 5.69 -6.43
N LYS B 44 -18.66 6.70 -7.31
CA LYS B 44 -17.46 7.30 -7.89
C LYS B 44 -16.62 8.09 -6.89
N GLU B 45 -17.25 8.51 -5.79
CA GLU B 45 -16.59 9.35 -4.77
C GLU B 45 -15.37 8.69 -4.13
N ILE B 46 -15.19 7.39 -4.39
CA ILE B 46 -14.09 6.61 -3.83
C ILE B 46 -12.72 7.12 -4.26
N PHE B 47 -12.68 7.82 -5.39
CA PHE B 47 -11.44 8.37 -5.93
C PHE B 47 -10.71 9.18 -4.88
N LEU B 48 -11.49 9.97 -4.12
CA LEU B 48 -10.89 10.95 -3.21
C LEU B 48 -10.21 10.21 -2.08
N ARG B 49 -10.90 9.20 -1.56
CA ARG B 49 -10.34 8.33 -0.56
C ARG B 49 -9.05 7.69 -1.06
N GLU B 50 -9.03 7.24 -2.32
CA GLU B 50 -7.86 6.59 -2.91
C GLU B 50 -6.66 7.51 -3.09
N LEU B 51 -6.90 8.73 -3.56
CA LEU B 51 -5.81 9.70 -3.74
C LEU B 51 -5.32 10.22 -2.39
N ILE B 52 -6.24 10.38 -1.45
CA ILE B 52 -5.87 10.83 -0.10
C ILE B 52 -5.05 9.77 0.61
N SER B 53 -5.45 8.51 0.44
CA SER B 53 -4.66 7.37 0.94
C SER B 53 -3.22 7.40 0.41
N ASN B 54 -3.08 7.52 -0.91
CA ASN B 54 -1.78 7.63 -1.57
C ASN B 54 -0.93 8.78 -1.05
N SER B 55 -1.55 9.94 -0.85
CA SER B 55 -0.92 11.13 -0.26
C SER B 55 -0.46 10.89 1.17
N SER B 56 -1.27 10.14 1.94
CA SER B 56 -0.95 9.80 3.32
C SER B 56 0.27 8.89 3.36
N ASP B 57 0.23 7.84 2.54
CA ASP B 57 1.35 6.92 2.36
C ASP B 57 2.66 7.62 1.99
N ALA B 58 2.59 8.64 1.13
CA ALA B 58 3.76 9.42 0.70
C ALA B 58 4.34 10.26 1.85
N CYS B 59 3.45 10.79 2.70
CA CYS B 59 3.86 11.44 3.95
C CYS B 59 4.58 10.46 4.90
N ASP B 60 4.02 9.28 5.12
CA ASP B 60 4.73 8.21 5.84
C ASP B 60 6.18 8.05 5.37
N LYS B 61 6.37 7.89 4.06
CA LYS B 61 7.69 7.61 3.49
C LYS B 61 8.76 8.67 3.84
N ILE B 62 8.42 9.94 3.69
CA ILE B 62 9.38 11.01 4.00
C ILE B 62 9.52 11.20 5.53
N ARG B 63 8.51 10.75 6.28
CA ARG B 63 8.60 10.70 7.73
C ARG B 63 9.60 9.65 8.19
N TYR B 64 9.54 8.47 7.58
CA TYR B 64 10.50 7.43 7.93
C TYR B 64 11.93 7.97 7.77
N GLN B 65 12.15 8.69 6.67
CA GLN B 65 13.46 9.27 6.38
C GLN B 65 13.87 10.32 7.41
N SER B 66 12.89 11.09 7.89
CA SER B 66 13.14 12.23 8.76
C SER B 66 13.66 11.83 10.15
N LEU B 67 13.37 10.61 10.57
CA LEU B 67 13.80 10.09 11.87
C LEU B 67 15.31 9.83 11.86
N THR B 68 15.83 9.42 10.70
CA THR B 68 17.27 9.38 10.45
C THR B 68 17.83 10.79 10.22
N ASN B 69 17.25 11.48 9.24
CA ASN B 69 17.75 12.78 8.76
C ASN B 69 16.67 13.85 8.78
N GLN B 70 16.65 14.66 9.84
CA GLN B 70 15.71 15.77 9.97
C GLN B 70 15.70 16.67 8.73
N SER B 71 16.90 17.06 8.30
CA SER B 71 17.10 18.03 7.21
C SER B 71 16.35 17.67 5.93
N VAL B 72 16.14 16.38 5.72
CA VAL B 72 15.50 15.85 4.51
C VAL B 72 14.15 16.50 4.20
N LEU B 73 13.60 17.20 5.18
CA LEU B 73 12.31 17.89 5.08
C LEU B 73 12.39 19.27 4.43
N GLY B 74 13.59 19.87 4.44
CA GLY B 74 13.82 21.19 3.82
C GLY B 74 12.89 22.26 4.35
N ASP B 75 12.10 22.85 3.46
CA ASP B 75 11.15 23.89 3.85
C ASP B 75 9.70 23.40 3.80
N HIS B 78 6.29 20.47 7.36
CA HIS B 78 4.86 20.28 7.51
C HIS B 78 4.36 19.21 6.55
N LEU B 79 4.14 18.00 7.07
CA LEU B 79 3.57 16.92 6.25
C LEU B 79 2.05 17.11 6.25
N ARG B 80 1.55 17.40 5.01
CA ARG B 80 0.16 17.85 4.89
C ARG B 80 -0.47 17.54 3.55
N ILE B 81 -1.80 17.39 3.58
CA ILE B 81 -2.58 17.05 2.39
C ILE B 81 -3.56 18.18 2.13
N ARG B 82 -3.60 18.64 0.88
CA ARG B 82 -4.47 19.75 0.53
C ARG B 82 -5.43 19.36 -0.57
N VAL B 83 -6.71 19.67 -0.37
CA VAL B 83 -7.69 19.45 -1.41
C VAL B 83 -8.14 20.81 -1.93
N ILE B 84 -7.73 21.13 -3.15
CA ILE B 84 -7.94 22.46 -3.73
C ILE B 84 -8.87 22.39 -4.95
N PRO B 85 -10.16 22.71 -4.75
CA PRO B 85 -11.10 22.74 -5.88
C PRO B 85 -11.10 24.11 -6.57
N ASP B 86 -10.88 24.12 -7.89
CA ASP B 86 -10.89 25.36 -8.65
C ASP B 86 -12.19 25.48 -9.46
N ARG B 87 -13.00 26.47 -9.09
CA ARG B 87 -14.33 26.67 -9.68
C ARG B 87 -14.27 27.10 -11.15
N VAL B 88 -13.48 28.13 -11.44
CA VAL B 88 -13.36 28.67 -12.80
C VAL B 88 -12.86 27.65 -13.85
N ASN B 89 -11.79 26.93 -13.53
N ASN B 89 -11.80 26.92 -13.54
CA ASN B 89 -11.16 25.98 -14.47
CA ASN B 89 -11.21 26.00 -14.50
C ASN B 89 -11.79 24.57 -14.44
C ASN B 89 -11.75 24.56 -14.42
N LYS B 90 -12.66 24.33 -13.47
CA LYS B 90 -13.31 23.00 -13.27
C LYS B 90 -12.33 21.85 -12.97
N THR B 91 -11.41 22.12 -12.05
CA THR B 91 -10.42 21.11 -11.63
C THR B 91 -10.52 20.87 -10.13
N LEU B 92 -10.25 19.64 -9.72
CA LEU B 92 -10.10 19.32 -8.32
C LEU B 92 -8.68 18.83 -8.11
N THR B 93 -7.99 19.45 -7.15
CA THR B 93 -6.58 19.17 -6.94
C THR B 93 -6.36 18.52 -5.58
N VAL B 94 -5.59 17.44 -5.59
CA VAL B 94 -5.17 16.81 -4.36
C VAL B 94 -3.66 16.92 -4.32
N GLU B 95 -3.15 17.56 -3.27
CA GLU B 95 -1.76 17.93 -3.21
C GLU B 95 -1.16 17.59 -1.86
N ASP B 96 0.06 17.06 -1.85
CA ASP B 96 0.69 16.68 -0.60
C ASP B 96 2.13 17.16 -0.55
N SER B 97 2.68 17.14 0.66
CA SER B 97 4.09 17.37 0.88
C SER B 97 4.75 16.05 1.26
N GLY B 98 4.27 14.96 0.64
CA GLY B 98 4.88 13.65 0.84
C GLY B 98 6.22 13.57 0.16
N ILE B 99 6.72 12.35 0.03
CA ILE B 99 8.06 12.11 -0.49
C ILE B 99 8.24 12.49 -1.98
N GLY B 100 7.16 12.44 -2.75
CA GLY B 100 7.21 12.69 -4.19
C GLY B 100 7.90 11.60 -5.00
N MET B 101 7.89 11.78 -6.31
CA MET B 101 8.41 10.82 -7.26
C MET B 101 9.44 11.47 -8.18
N THR B 102 10.52 10.74 -8.46
CA THR B 102 11.45 11.12 -9.51
C THR B 102 10.77 10.82 -10.84
N LYS B 103 11.40 11.27 -11.94
CA LYS B 103 10.98 10.85 -13.27
C LYS B 103 10.79 9.33 -13.25
N ALA B 104 11.84 8.62 -12.87
CA ALA B 104 11.80 7.15 -12.85
C ALA B 104 10.68 6.60 -11.97
N ASP B 105 10.46 7.20 -10.81
CA ASP B 105 9.37 6.77 -9.94
C ASP B 105 8.00 6.93 -10.61
N LEU B 106 7.83 8.01 -11.37
CA LEU B 106 6.56 8.30 -12.02
C LEU B 106 6.23 7.21 -13.04
N VAL B 107 7.24 6.82 -13.83
CA VAL B 107 7.12 5.76 -14.83
C VAL B 107 6.84 4.41 -14.17
N ASN B 108 7.63 4.08 -13.14
N ASN B 108 7.63 4.11 -13.13
CA ASN B 108 7.49 2.80 -12.46
CA ASN B 108 7.53 2.86 -12.40
C ASN B 108 6.15 2.65 -11.70
C ASN B 108 6.16 2.68 -11.73
N ASN B 109 5.73 3.71 -11.01
CA ASN B 109 4.44 3.67 -10.31
C ASN B 109 3.24 3.59 -11.23
N LEU B 110 3.20 4.48 -12.22
CA LEU B 110 2.01 4.64 -13.03
C LEU B 110 1.98 3.62 -14.18
N GLY B 111 3.16 3.20 -14.63
CA GLY B 111 3.27 2.30 -15.76
C GLY B 111 3.65 0.87 -15.38
N THR B 112 4.91 0.69 -15.02
CA THR B 112 5.54 -0.62 -14.88
C THR B 112 5.01 -1.48 -13.72
N ILE B 113 5.10 -0.97 -12.49
CA ILE B 113 4.64 -1.72 -11.31
C ILE B 113 3.14 -1.93 -11.30
N ALA B 114 2.38 -0.98 -11.82
CA ALA B 114 0.92 -1.06 -11.82
C ALA B 114 0.38 -2.29 -12.60
N ARG B 115 1.18 -2.84 -13.49
CA ARG B 115 0.69 -3.80 -14.49
C ARG B 115 -0.01 -5.04 -13.92
N SER B 116 0.69 -5.77 -13.04
CA SER B 116 0.13 -6.98 -12.42
C SER B 116 -1.02 -6.62 -11.48
N GLY B 117 -0.93 -5.44 -10.88
CA GLY B 117 -2.00 -4.86 -10.06
C GLY B 117 -3.30 -4.67 -10.83
N THR B 118 -3.21 -4.08 -12.02
CA THR B 118 -4.39 -3.86 -12.85
C THR B 118 -4.95 -5.18 -13.39
N LYS B 119 -4.05 -6.10 -13.76
CA LYS B 119 -4.48 -7.40 -14.28
C LYS B 119 -5.27 -8.18 -13.22
N SER B 120 -4.77 -8.21 -11.98
CA SER B 120 -5.46 -8.91 -10.91
C SER B 120 -6.80 -8.26 -10.58
N PHE B 121 -6.82 -6.92 -10.62
CA PHE B 121 -8.04 -6.18 -10.32
C PHE B 121 -9.15 -6.48 -11.32
N MET B 122 -8.81 -6.50 -12.60
CA MET B 122 -9.80 -6.74 -13.63
C MET B 122 -10.36 -8.15 -13.58
N GLU B 123 -9.51 -9.11 -13.25
CA GLU B 123 -9.94 -10.47 -13.01
C GLU B 123 -10.97 -10.51 -11.88
N ALA B 124 -10.71 -9.77 -10.81
CA ALA B 124 -11.65 -9.68 -9.69
C ALA B 124 -12.97 -9.02 -10.13
N LEU B 125 -12.87 -8.00 -10.98
CA LEU B 125 -14.06 -7.37 -11.56
C LEU B 125 -14.90 -8.32 -12.41
N GLU B 126 -14.23 -9.11 -13.27
CA GLU B 126 -14.89 -10.12 -14.11
C GLU B 126 -15.33 -11.35 -13.31
N ALA B 127 -15.07 -11.33 -12.00
CA ALA B 127 -15.45 -12.42 -11.11
C ALA B 127 -16.55 -11.98 -10.14
N GLY B 128 -17.11 -10.80 -10.39
CA GLY B 128 -18.18 -10.24 -9.56
C GLY B 128 -17.75 -9.16 -8.57
N GLY B 129 -16.47 -8.80 -8.62
CA GLY B 129 -15.91 -7.80 -7.72
C GLY B 129 -16.44 -6.39 -7.93
N ASP B 130 -15.98 -5.48 -7.09
CA ASP B 130 -16.46 -4.11 -7.05
C ASP B 130 -15.32 -3.12 -7.26
N MET B 131 -15.57 -2.10 -8.08
CA MET B 131 -14.68 -0.97 -8.26
C MET B 131 -14.11 -0.42 -6.95
N SER B 132 -14.90 -0.54 -5.88
CA SER B 132 -14.47 -0.10 -4.55
C SER B 132 -13.23 -0.85 -4.04
N MET B 133 -12.95 -2.02 -4.59
CA MET B 133 -11.78 -2.78 -4.18
C MET B 133 -10.46 -2.42 -4.88
N ILE B 134 -10.50 -1.45 -5.79
CA ILE B 134 -9.33 -1.06 -6.59
C ILE B 134 -8.06 -0.91 -5.76
N GLY B 135 -8.19 -0.30 -4.58
CA GLY B 135 -7.06 0.03 -3.70
C GLY B 135 -6.34 -1.17 -3.10
N GLN B 136 -7.01 -2.31 -3.05
CA GLN B 136 -6.38 -3.51 -2.54
C GLN B 136 -5.50 -4.21 -3.58
N PHE B 137 -5.54 -3.73 -4.82
CA PHE B 137 -4.61 -4.18 -5.85
C PHE B 137 -3.49 -3.14 -6.12
N GLY B 138 -3.44 -2.11 -5.28
CA GLY B 138 -2.39 -1.08 -5.36
C GLY B 138 -2.54 -0.11 -6.52
N VAL B 139 -3.70 -0.11 -7.18
CA VAL B 139 -3.85 0.75 -8.36
C VAL B 139 -4.94 1.81 -8.21
N GLY B 140 -5.16 2.23 -6.97
CA GLY B 140 -6.24 3.15 -6.62
C GLY B 140 -6.16 4.49 -7.31
N PHE B 141 -4.95 4.88 -7.72
CA PHE B 141 -4.75 6.11 -8.48
C PHE B 141 -5.71 6.20 -9.68
N TYR B 142 -5.86 5.10 -10.41
CA TYR B 142 -6.70 5.11 -11.63
C TYR B 142 -8.19 5.30 -11.43
N SER B 143 -8.66 5.18 -10.18
CA SER B 143 -10.03 5.57 -9.85
C SER B 143 -10.32 7.05 -10.14
N ALA B 144 -9.26 7.87 -10.20
CA ALA B 144 -9.37 9.29 -10.59
C ALA B 144 -10.15 9.46 -11.89
N TYR B 145 -9.95 8.53 -12.81
CA TYR B 145 -10.64 8.52 -14.10
C TYR B 145 -12.16 8.22 -14.02
N LEU B 146 -12.64 7.90 -12.83
CA LEU B 146 -14.09 7.76 -12.62
C LEU B 146 -14.77 9.12 -12.64
N VAL B 147 -14.05 10.16 -12.20
CA VAL B 147 -14.61 11.52 -12.10
C VAL B 147 -13.96 12.54 -13.04
N ALA B 148 -12.84 12.17 -13.66
CA ALA B 148 -12.06 13.09 -14.49
C ALA B 148 -11.79 12.50 -15.87
N ASP B 149 -11.90 13.36 -16.89
CA ASP B 149 -11.55 12.97 -18.28
C ASP B 149 -10.05 13.13 -18.58
N ARG B 150 -9.37 14.06 -17.91
CA ARG B 150 -7.91 14.08 -17.93
C ARG B 150 -7.26 14.32 -16.56
N VAL B 151 -6.14 13.62 -16.33
CA VAL B 151 -5.43 13.68 -15.07
C VAL B 151 -3.98 14.06 -15.31
N THR B 152 -3.51 15.03 -14.53
CA THR B 152 -2.14 15.52 -14.58
C THR B 152 -1.48 15.29 -13.23
N VAL B 153 -0.24 14.80 -13.25
CA VAL B 153 0.48 14.54 -12.01
C VAL B 153 1.78 15.32 -12.03
N VAL B 154 1.92 16.24 -11.10
CA VAL B 154 3.17 16.95 -10.95
C VAL B 154 3.77 16.46 -9.64
N SER B 155 5.02 16.02 -9.66
N SER B 155 5.04 16.09 -9.67
CA SER B 155 5.65 15.64 -8.40
CA SER B 155 5.70 15.53 -8.49
C SER B 155 7.08 16.12 -8.32
C SER B 155 7.13 16.03 -8.34
N LYS B 156 7.57 16.20 -7.08
CA LYS B 156 8.92 16.65 -6.81
C LYS B 156 9.44 15.85 -5.64
N ASN B 157 10.47 15.06 -5.92
CA ASN B 157 11.17 14.25 -4.94
C ASN B 157 12.55 14.90 -4.74
N ASN B 158 13.13 14.75 -3.55
CA ASN B 158 14.46 15.32 -3.25
C ASN B 158 15.59 14.91 -4.22
N GLU B 159 15.53 13.70 -4.76
CA GLU B 159 16.60 13.19 -5.64
C GLU B 159 16.46 13.60 -7.12
N ASP B 160 15.51 14.47 -7.43
CA ASP B 160 15.26 14.86 -8.83
C ASP B 160 14.63 16.25 -8.98
N ASP B 161 14.48 16.67 -10.25
CA ASP B 161 13.75 17.88 -10.60
C ASP B 161 12.25 17.59 -10.58
N ALA B 162 11.44 18.65 -10.72
CA ALA B 162 10.00 18.50 -10.80
C ALA B 162 9.60 17.99 -12.19
N TYR B 163 8.82 16.91 -12.23
CA TYR B 163 8.33 16.39 -13.51
C TYR B 163 6.82 16.30 -13.51
N THR B 164 6.26 16.29 -14.72
CA THR B 164 4.85 16.22 -14.94
C THR B 164 4.49 15.05 -15.83
N TRP B 165 3.58 14.22 -15.34
CA TRP B 165 3.05 13.07 -16.04
C TRP B 165 1.69 13.44 -16.59
N GLU B 166 1.43 13.08 -17.84
CA GLU B 166 0.15 13.33 -18.48
C GLU B 166 -0.12 12.23 -19.51
N SER B 167 -1.32 11.67 -19.49
CA SER B 167 -1.71 10.74 -20.54
C SER B 167 -2.59 11.43 -21.58
N GLY B 171 -2.98 5.34 -26.19
CA GLY B 171 -2.45 4.62 -25.02
C GLY B 171 -1.00 4.94 -24.67
N THR B 172 -0.68 6.23 -24.56
CA THR B 172 0.64 6.65 -24.12
C THR B 172 0.55 7.67 -23.00
N PHE B 173 1.69 7.94 -22.37
CA PHE B 173 1.80 9.04 -21.45
C PHE B 173 3.16 9.71 -21.60
N THR B 174 3.22 11.00 -21.30
CA THR B 174 4.49 11.74 -21.36
C THR B 174 4.93 12.07 -19.96
N VAL B 175 6.24 12.16 -19.77
CA VAL B 175 6.81 12.71 -18.53
C VAL B 175 7.73 13.82 -19.00
N THR B 176 7.41 15.04 -18.58
CA THR B 176 8.09 16.26 -19.01
C THR B 176 8.67 16.96 -17.79
N SER B 177 9.90 17.46 -17.89
CA SER B 177 10.51 18.20 -16.79
C SER B 177 9.89 19.58 -16.73
N THR B 178 9.24 19.87 -15.62
CA THR B 178 8.48 21.10 -15.46
C THR B 178 8.92 21.79 -14.18
N PRO B 179 9.86 22.75 -14.28
CA PRO B 179 10.24 23.55 -13.11
C PRO B 179 8.99 24.15 -12.44
N ASP B 180 8.90 23.97 -11.12
CA ASP B 180 7.71 24.34 -10.36
C ASP B 180 8.17 24.66 -8.95
N CYS B 181 8.42 25.94 -8.69
CA CYS B 181 9.00 26.39 -7.42
C CYS B 181 8.05 26.36 -6.23
N ASP B 182 6.76 26.26 -6.50
CA ASP B 182 5.73 26.16 -5.45
C ASP B 182 5.58 24.73 -4.90
N LEU B 183 6.08 23.76 -5.64
CA LEU B 183 6.09 22.39 -5.18
C LEU B 183 7.51 22.08 -4.73
N LYS B 184 7.81 22.33 -3.47
CA LYS B 184 9.17 22.09 -2.96
C LYS B 184 9.42 20.59 -2.81
N ARG B 185 8.35 19.85 -2.52
CA ARG B 185 8.42 18.40 -2.33
C ARG B 185 7.00 17.86 -2.25
N GLY B 186 6.72 16.80 -2.99
CA GLY B 186 5.41 16.18 -2.90
C GLY B 186 4.79 15.98 -4.26
N THR B 187 3.47 15.82 -4.29
CA THR B 187 2.79 15.47 -5.52
C THR B 187 1.51 16.26 -5.65
N ARG B 188 1.25 16.77 -6.84
CA ARG B 188 0.04 17.52 -7.12
C ARG B 188 -0.68 16.76 -8.22
N ILE B 189 -1.88 16.31 -7.93
CA ILE B 189 -2.70 15.63 -8.93
C ILE B 189 -3.89 16.50 -9.27
N VAL B 190 -3.96 16.90 -10.54
CA VAL B 190 -5.01 17.79 -11.02
C VAL B 190 -6.00 17.04 -11.89
N LEU B 191 -7.23 16.93 -11.39
CA LEU B 191 -8.29 16.25 -12.10
C LEU B 191 -9.16 17.27 -12.79
N HIS B 192 -9.20 17.22 -14.12
CA HIS B 192 -10.19 17.97 -14.87
C HIS B 192 -11.52 17.21 -14.81
N LEU B 193 -12.43 17.65 -13.95
CA LEU B 193 -13.67 16.92 -13.69
C LEU B 193 -14.58 16.79 -14.90
N LYS B 194 -15.21 15.63 -15.05
CA LYS B 194 -16.17 15.41 -16.13
C LYS B 194 -17.46 16.21 -15.91
N GLU B 195 -18.05 16.65 -17.01
CA GLU B 195 -19.23 17.54 -16.99
C GLU B 195 -20.36 17.10 -16.05
N ASP B 196 -20.48 15.79 -15.84
CA ASP B 196 -21.50 15.25 -14.95
C ASP B 196 -21.01 15.05 -13.50
N GLN B 197 -19.73 15.33 -13.26
CA GLN B 197 -19.10 15.08 -11.95
C GLN B 197 -18.69 16.36 -11.21
N GLN B 198 -19.32 17.48 -11.56
CA GLN B 198 -18.98 18.80 -11.02
C GLN B 198 -19.23 18.97 -9.52
N GLU B 199 -20.05 18.11 -8.93
CA GLU B 199 -20.35 18.11 -7.50
C GLU B 199 -19.09 18.07 -6.61
N TYR B 200 -17.98 17.59 -7.16
CA TYR B 200 -16.75 17.47 -6.39
C TYR B 200 -15.98 18.78 -6.25
N LEU B 201 -16.65 19.86 -6.68
CA LEU B 201 -16.15 21.23 -6.57
C LEU B 201 -16.70 22.02 -5.38
N GLU B 202 -17.80 21.54 -4.78
CA GLU B 202 -18.45 22.28 -3.69
C GLU B 202 -17.93 21.88 -2.31
N GLU B 203 -17.84 22.88 -1.43
CA GLU B 203 -17.18 22.74 -0.13
C GLU B 203 -17.81 21.69 0.79
N ARG B 204 -19.14 21.68 0.85
CA ARG B 204 -19.89 20.75 1.68
C ARG B 204 -19.64 19.30 1.27
N ARG B 205 -19.75 19.01 -0.03
CA ARG B 205 -19.45 17.69 -0.57
C ARG B 205 -18.06 17.19 -0.16
N LEU B 206 -17.06 18.08 -0.29
CA LEU B 206 -15.67 17.73 0.02
C LEU B 206 -15.40 17.62 1.52
N LYS B 207 -15.92 18.54 2.32
CA LYS B 207 -15.79 18.48 3.78
C LYS B 207 -16.30 17.14 4.31
N ASP B 208 -17.51 16.76 3.90
CA ASP B 208 -18.13 15.47 4.22
C ASP B 208 -17.20 14.27 3.92
N LEU B 209 -16.75 14.18 2.68
CA LEU B 209 -15.90 13.07 2.24
C LEU B 209 -14.61 12.91 3.06
N ILE B 210 -14.01 14.04 3.42
CA ILE B 210 -12.80 14.07 4.24
C ILE B 210 -13.02 13.44 5.61
N LYS B 211 -14.15 13.79 6.25
CA LYS B 211 -14.48 13.34 7.60
C LYS B 211 -14.80 11.84 7.68
N LYS B 212 -15.06 11.22 6.53
CA LYS B 212 -15.25 9.77 6.48
C LYS B 212 -14.02 9.00 6.91
N HIS B 213 -12.83 9.59 6.72
CA HIS B 213 -11.56 8.89 6.91
C HIS B 213 -10.52 9.67 7.73
N SER B 214 -10.74 10.99 7.85
CA SER B 214 -9.82 11.91 8.55
C SER B 214 -9.25 11.35 9.85
N ILE B 217 -6.11 8.58 9.09
CA ILE B 217 -5.07 9.40 8.45
C ILE B 217 -4.34 10.31 9.44
N GLY B 218 -3.05 10.01 9.65
CA GLY B 218 -2.24 10.68 10.69
C GLY B 218 -1.53 11.96 10.24
N TYR B 219 -2.03 12.57 9.17
CA TYR B 219 -1.54 13.87 8.66
C TYR B 219 -2.73 14.80 8.46
N ASP B 220 -2.50 16.10 8.57
CA ASP B 220 -3.55 17.09 8.46
C ASP B 220 -4.10 17.11 7.04
N ILE B 221 -5.43 17.14 6.92
CA ILE B 221 -6.06 17.29 5.61
C ILE B 221 -6.79 18.65 5.60
N GLU B 222 -6.26 19.57 4.81
CA GLU B 222 -6.78 20.94 4.71
C GLU B 222 -7.62 21.10 3.45
N LEU B 223 -8.73 21.81 3.56
CA LEU B 223 -9.62 22.05 2.43
C LEU B 223 -9.65 23.54 2.08
N MET B 224 -9.12 23.85 0.90
CA MET B 224 -9.06 25.24 0.42
C MET B 224 -10.21 25.55 -0.55
N1 IBD C . -1.16 -8.34 5.37
C2 IBD C . -2.11 -8.24 6.31
N3 IBD C . -3.42 -8.22 5.99
C4 IBD C . -3.82 -8.31 4.72
C5 IBD C . -2.85 -8.42 3.68
C6 IBD C . -1.48 -8.44 4.05
CAA IBD C . -9.22 -8.37 0.57
CAB IBD C . 1.02 -7.72 -3.20
CAC IBD C . -0.68 -4.28 -4.22
NAD IBD C . -1.77 -8.15 7.59
OAE IBD C . -5.20 -8.20 0.09
CLAF IBD C . 2.86 -9.27 0.00
CLAG IBD C . 0.26 -10.93 4.34
CAH IBD C . 1.40 -9.91 2.18
CAI IBD C . -0.24 -7.66 2.04
CAJ IBD C . -3.43 -8.50 2.46
CAK IBD C . -7.86 -8.97 0.21
CAL IBD C . 0.88 -6.20 -3.24
CAM IBD C . -1.20 -4.94 -2.93
CAN IBD C . 0.22 -5.81 0.12
CAO IBD C . 0.46 -5.01 -1.16
NAR IBD C . -6.95 -8.88 1.35
OAS IBD C . 1.01 -7.01 0.07
SAT IBD C . -5.39 -8.33 4.03
CAU IBD C . -5.68 -8.51 1.18
CAW IBD C . 1.59 -9.00 1.15
CAX IBD C . 0.39 -9.70 3.12
CAY IBD C . 0.77 -7.87 1.08
CAZ IBD C . -4.79 -8.44 2.45
CBA IBD C . -0.44 -8.57 3.08
NBE IBD C . -0.14 -5.75 -2.29
N1 IBD D . 0.82 9.30 -5.11
C2 IBD D . 1.21 10.32 -4.32
N3 IBD D . 2.47 10.37 -3.86
C4 IBD D . 3.34 9.43 -4.16
C5 IBD D . 2.99 8.33 -4.97
C6 IBD D . 1.67 8.30 -5.46
CAA IBD D . 9.77 7.55 -3.23
CAB IBD D . 1.43 1.01 -8.44
CAC IBD D . 3.68 -0.29 -4.89
NAD IBD D . 0.38 11.32 -3.98
OAE IBD D . 6.52 5.85 -4.79
CLAF IBD D . -0.23 4.17 -9.28
CLAG IBD D . 0.63 9.29 -8.17
CAH IBD D . 0.29 6.70 -8.48
CAI IBD D . 1.24 5.93 -6.00
CAJ IBD D . 4.04 7.49 -5.16
CAK IBD D . 8.94 7.26 -4.47
CAL IBD D . 1.93 0.39 -7.13
CAM IBD D . 3.60 1.13 -5.46
CAN IBD D . 0.93 3.23 -5.27
CAO IBD D . 1.23 1.72 -5.21
NAR IBD D . 7.58 7.83 -4.38
OAS IBD D . 0.81 3.64 -6.67
SAT IBD D . 4.93 9.30 -3.72
CAU IBD D . 6.50 7.07 -4.57
CAW IBD D . 0.32 5.35 -8.15
CAX IBD D . 0.73 7.66 -7.60
CAY IBD D . 0.81 4.96 -6.92
CAZ IBD D . 5.17 7.84 -4.52
CBA IBD D . 1.21 7.28 -6.32
NBE IBD D . 2.32 1.41 -6.15
#